data_4J2J
#
_entry.id   4J2J
#
_cell.length_a   77.722
_cell.length_b   89.096
_cell.length_c   132.663
_cell.angle_alpha   90.00
_cell.angle_beta   90.00
_cell.angle_gamma   90.00
#
_symmetry.space_group_name_H-M   'I 2 2 2'
#
loop_
_entity.id
_entity.type
_entity.pdbx_description
1 polymer Ataxin-1
2 polymer 'Protein capicua homolog'
3 water water
#
loop_
_entity_poly.entity_id
_entity_poly.type
_entity_poly.pdbx_seq_one_letter_code
_entity_poly.pdbx_strand_id
1 'polypeptide(L)'
;EFSPAAAPPTLPPYF(MSE)KGS(MSE)IQLANGELKKVEDLKTEDFIQSAE(MSE)SNDLKIDSSTVERIEDSHSPGVA
VIQFAVGEHRAQVSVEVLVEYPFFVFGQGWSSCCPERTSQLFDLPCSKLSVGDVCISLTLK
;
A,B,C
2 'polypeptide(L)' EPRSVAVFPWHSLVPFLAPSQ D,E,F
#
# COMPACT_ATOMS: atom_id res chain seq x y z
N PRO A 9 -14.43 19.34 24.76
CA PRO A 9 -13.85 18.04 24.34
C PRO A 9 -12.33 18.00 24.54
N THR A 10 -11.65 17.14 23.78
CA THR A 10 -10.20 17.01 23.89
C THR A 10 -9.52 16.86 22.52
N LEU A 11 -8.18 16.74 22.51
CA LEU A 11 -7.45 16.62 21.27
C LEU A 11 -6.60 15.37 21.12
N PRO A 12 -6.85 14.62 20.04
CA PRO A 12 -6.12 13.39 19.75
C PRO A 12 -4.71 13.69 19.26
N PRO A 13 -3.81 12.71 19.38
CA PRO A 13 -2.41 12.84 18.95
C PRO A 13 -2.13 12.71 17.46
N TYR A 14 -3.11 12.34 16.66
CA TYR A 14 -2.84 12.18 15.24
C TYR A 14 -2.78 13.42 14.37
N PHE A 15 -2.96 14.59 14.96
CA PHE A 15 -2.86 15.80 14.16
C PHE A 15 -1.40 16.28 14.20
N MSE A 16 -0.60 15.66 15.07
CA MSE A 16 0.80 15.99 15.25
C MSE A 16 1.61 15.71 13.98
O MSE A 16 1.48 14.65 13.34
CB MSE A 16 1.35 15.14 16.41
CG MSE A 16 2.75 15.47 16.86
SE MSE A 16 2.94 17.28 17.52
CE MSE A 16 1.50 17.30 18.81
N LYS A 17 2.46 16.66 13.60
CA LYS A 17 3.28 16.52 12.41
C LYS A 17 4.08 15.21 12.40
N GLY A 18 4.10 14.54 11.25
CA GLY A 18 4.82 13.29 11.16
C GLY A 18 4.00 12.09 11.57
N SER A 19 2.72 12.30 11.87
CA SER A 19 1.84 11.18 12.25
C SER A 19 1.52 10.33 11.03
N MSE A 20 1.85 9.04 11.11
CA MSE A 20 1.59 8.15 10.01
C MSE A 20 0.09 7.89 9.91
O MSE A 20 -0.53 7.43 10.85
CB MSE A 20 2.34 6.83 10.21
CG MSE A 20 2.89 6.25 8.92
SE MSE A 20 4.00 7.49 7.91
CE MSE A 20 5.21 8.01 9.32
N ILE A 21 -0.48 8.21 8.75
CA ILE A 21 -1.90 8.00 8.53
C ILE A 21 -2.03 6.97 7.43
N GLN A 22 -2.80 5.92 7.68
CA GLN A 22 -3.01 4.88 6.68
C GLN A 22 -4.26 5.18 5.82
N LEU A 23 -4.05 5.38 4.52
CA LEU A 23 -5.16 5.65 3.61
C LEU A 23 -5.95 4.35 3.39
N ALA A 24 -7.13 4.47 2.78
CA ALA A 24 -7.99 3.32 2.51
C ALA A 24 -7.31 2.14 1.80
N ASN A 25 -6.51 2.42 0.77
CA ASN A 25 -5.82 1.36 0.02
C ASN A 25 -4.56 0.81 0.68
N GLY A 26 -4.25 1.25 1.89
CA GLY A 26 -3.08 0.75 2.59
C GLY A 26 -1.86 1.67 2.54
N GLU A 27 -1.92 2.64 1.63
CA GLU A 27 -0.82 3.59 1.50
C GLU A 27 -0.67 4.39 2.79
N LEU A 28 0.58 4.67 3.14
CA LEU A 28 0.92 5.42 4.34
C LEU A 28 1.40 6.82 3.95
N LYS A 29 0.91 7.81 4.68
CA LYS A 29 1.26 9.21 4.44
C LYS A 29 1.34 10.00 5.73
N LYS A 30 2.16 11.04 5.76
CA LYS A 30 2.27 11.87 6.94
C LYS A 30 1.09 12.80 6.92
N VAL A 31 0.44 12.96 8.07
CA VAL A 31 -0.74 13.81 8.18
C VAL A 31 -0.60 15.20 7.57
N GLU A 32 0.59 15.78 7.60
CA GLU A 32 0.76 17.11 7.01
C GLU A 32 0.69 17.07 5.48
N ASP A 33 0.97 15.91 4.88
CA ASP A 33 0.93 15.78 3.41
C ASP A 33 -0.40 15.37 2.82
N LEU A 34 -1.41 15.15 3.65
CA LEU A 34 -2.71 14.71 3.15
C LEU A 34 -3.35 15.79 2.31
N LYS A 35 -3.98 15.36 1.22
CA LYS A 35 -4.66 16.26 0.29
C LYS A 35 -6.11 15.85 0.16
N THR A 36 -6.92 16.73 -0.40
CA THR A 36 -8.33 16.44 -0.58
C THR A 36 -8.54 15.11 -1.29
N GLU A 37 -7.84 14.90 -2.40
CA GLU A 37 -8.00 13.67 -3.15
C GLU A 37 -7.70 12.42 -2.32
N ASP A 38 -6.80 12.53 -1.35
CA ASP A 38 -6.52 11.35 -0.52
C ASP A 38 -7.75 10.94 0.27
N PHE A 39 -8.56 11.90 0.71
CA PHE A 39 -9.76 11.57 1.46
C PHE A 39 -10.84 11.09 0.53
N ILE A 40 -11.00 11.78 -0.59
CA ILE A 40 -11.99 11.40 -1.57
C ILE A 40 -11.72 9.99 -2.07
N GLN A 41 -10.47 9.72 -2.41
CA GLN A 41 -10.11 8.39 -2.89
C GLN A 41 -10.35 7.36 -1.81
N SER A 42 -9.99 7.67 -0.57
CA SER A 42 -10.19 6.72 0.53
C SER A 42 -11.66 6.38 0.79
N ALA A 43 -12.55 7.35 0.58
CA ALA A 43 -13.97 7.11 0.78
C ALA A 43 -14.45 6.17 -0.31
N GLU A 44 -13.97 6.38 -1.54
CA GLU A 44 -14.32 5.53 -2.68
C GLU A 44 -13.84 4.10 -2.43
N MSE A 45 -12.60 4.00 -1.98
CA MSE A 45 -11.97 2.72 -1.70
C MSE A 45 -12.69 1.94 -0.62
O MSE A 45 -12.78 0.72 -0.68
CB MSE A 45 -10.51 2.95 -1.29
CG MSE A 45 -9.69 1.69 -1.23
SE MSE A 45 -9.49 0.96 -2.98
CE MSE A 45 -8.31 2.29 -3.73
N SER A 46 -13.21 2.66 0.37
CA SER A 46 -13.91 2.04 1.49
C SER A 46 -15.26 1.45 1.12
N ASN A 47 -15.68 0.42 1.84
CA ASN A 47 -16.96 -0.21 1.56
C ASN A 47 -18.04 0.26 2.51
N ASP A 48 -17.67 1.04 3.53
CA ASP A 48 -18.65 1.52 4.52
C ASP A 48 -18.74 3.02 4.79
N LEU A 49 -17.67 3.75 4.49
CA LEU A 49 -17.67 5.18 4.73
C LEU A 49 -17.72 5.97 3.44
N LYS A 50 -18.45 7.08 3.47
CA LYS A 50 -18.56 7.95 2.31
C LYS A 50 -18.33 9.37 2.80
N ILE A 51 -18.02 10.29 1.90
CA ILE A 51 -17.77 11.67 2.27
C ILE A 51 -19.01 12.55 2.17
N ASP A 52 -19.18 13.40 3.17
CA ASP A 52 -20.31 14.31 3.23
C ASP A 52 -19.81 15.74 3.45
N SER A 53 -20.10 16.63 2.52
CA SER A 53 -19.67 18.02 2.66
C SER A 53 -20.41 18.67 3.82
N SER A 54 -19.68 19.36 4.67
CA SER A 54 -20.29 20.06 5.79
C SER A 54 -19.85 21.52 5.71
N THR A 55 -20.83 22.41 5.51
CA THR A 55 -20.56 23.84 5.37
C THR A 55 -20.71 24.64 6.65
N VAL A 56 -19.64 25.33 7.05
CA VAL A 56 -19.63 26.15 8.26
C VAL A 56 -20.55 27.33 8.07
N GLU A 57 -21.65 27.36 8.83
CA GLU A 57 -22.62 28.45 8.74
C GLU A 57 -22.35 29.54 9.76
N ARG A 58 -21.63 29.21 10.83
CA ARG A 58 -21.32 30.17 11.85
C ARG A 58 -20.35 29.65 12.91
N ILE A 59 -19.46 30.54 13.37
CA ILE A 59 -18.47 30.23 14.39
C ILE A 59 -18.70 31.13 15.60
N GLU A 60 -19.06 30.55 16.73
CA GLU A 60 -19.30 31.35 17.93
C GLU A 60 -18.19 31.10 18.93
N ASP A 61 -17.02 31.67 18.61
CA ASP A 61 -15.82 31.56 19.41
C ASP A 61 -15.97 31.89 20.91
N SER A 62 -14.96 31.49 21.68
CA SER A 62 -14.92 31.70 23.12
C SER A 62 -16.23 31.40 23.83
N HIS A 63 -16.68 30.17 23.68
CA HIS A 63 -17.91 29.67 24.30
C HIS A 63 -17.59 29.52 25.80
N SER A 64 -16.42 28.93 26.06
CA SER A 64 -15.91 28.72 27.40
C SER A 64 -14.40 28.61 27.23
N PRO A 65 -13.63 28.55 28.33
CA PRO A 65 -12.18 28.45 28.19
C PRO A 65 -11.69 27.41 27.15
N GLY A 66 -11.01 27.90 26.12
CA GLY A 66 -10.45 27.04 25.08
C GLY A 66 -11.37 26.32 24.11
N VAL A 67 -12.66 26.66 24.13
CA VAL A 67 -13.64 26.01 23.28
C VAL A 67 -14.43 26.95 22.39
N ALA A 68 -14.72 26.47 21.19
CA ALA A 68 -15.50 27.20 20.19
C ALA A 68 -16.71 26.33 19.87
N VAL A 69 -17.76 26.97 19.40
CA VAL A 69 -18.96 26.27 19.00
C VAL A 69 -19.14 26.57 17.54
N ILE A 70 -19.16 25.53 16.72
CA ILE A 70 -19.32 25.70 15.30
C ILE A 70 -20.65 25.12 14.87
N GLN A 71 -21.31 25.82 13.95
CA GLN A 71 -22.60 25.40 13.45
C GLN A 71 -22.45 25.09 11.97
N PHE A 72 -22.68 23.83 11.62
CA PHE A 72 -22.55 23.38 10.23
C PHE A 72 -23.91 23.06 9.63
N ALA A 73 -23.91 22.91 8.31
CA ALA A 73 -25.10 22.50 7.56
C ALA A 73 -24.53 21.24 6.93
N VAL A 74 -24.84 20.09 7.52
CA VAL A 74 -24.32 18.81 7.05
C VAL A 74 -25.05 18.09 5.92
N GLY A 75 -24.28 17.70 4.92
CA GLY A 75 -24.83 16.96 3.79
C GLY A 75 -25.91 17.58 2.94
N GLU A 76 -26.33 16.81 1.93
CA GLU A 76 -27.36 17.18 0.95
C GLU A 76 -28.44 18.10 1.51
N HIS A 77 -29.32 17.52 2.33
CA HIS A 77 -30.43 18.25 2.94
C HIS A 77 -30.01 19.50 3.71
N ARG A 78 -28.78 19.50 4.22
CA ARG A 78 -28.25 20.63 4.99
C ARG A 78 -28.86 20.67 6.40
N ALA A 79 -28.68 19.60 7.16
CA ALA A 79 -29.21 19.53 8.52
C ALA A 79 -28.33 20.38 9.44
N GLN A 80 -28.95 21.30 10.19
CA GLN A 80 -28.20 22.15 11.10
C GLN A 80 -27.61 21.36 12.26
N VAL A 81 -26.28 21.34 12.34
CA VAL A 81 -25.56 20.63 13.39
C VAL A 81 -24.61 21.61 14.05
N SER A 82 -24.63 21.66 15.37
CA SER A 82 -23.74 22.52 16.11
C SER A 82 -22.87 21.60 16.93
N VAL A 83 -21.58 21.92 16.98
CA VAL A 83 -20.65 21.07 17.70
C VAL A 83 -19.73 21.94 18.56
N GLU A 84 -19.08 21.33 19.54
CA GLU A 84 -18.22 22.05 20.46
C GLU A 84 -16.82 21.44 20.42
N VAL A 85 -15.81 22.26 20.12
CA VAL A 85 -14.44 21.77 20.04
C VAL A 85 -13.40 22.69 20.62
N LEU A 86 -12.24 22.12 20.94
CA LEU A 86 -11.12 22.90 21.45
C LEU A 86 -10.74 23.78 20.25
N VAL A 87 -10.42 25.03 20.53
CA VAL A 87 -10.10 25.97 19.45
C VAL A 87 -9.06 25.48 18.45
N GLU A 88 -8.10 24.69 18.92
CA GLU A 88 -7.05 24.19 18.04
C GLU A 88 -7.37 22.95 17.20
N TYR A 89 -8.63 22.48 17.26
CA TYR A 89 -9.06 21.31 16.50
C TYR A 89 -9.15 21.65 15.01
N PRO A 90 -8.45 20.87 14.17
CA PRO A 90 -8.49 21.16 12.73
C PRO A 90 -9.45 20.36 11.87
N PHE A 91 -10.19 21.06 11.01
CA PHE A 91 -11.12 20.43 10.09
C PHE A 91 -10.41 20.43 8.75
N PHE A 92 -10.80 19.53 7.86
CA PHE A 92 -10.14 19.50 6.57
C PHE A 92 -11.08 20.08 5.53
N VAL A 93 -10.76 21.29 5.08
CA VAL A 93 -11.58 21.99 4.11
C VAL A 93 -11.27 21.57 2.68
N PHE A 94 -12.31 21.25 1.92
CA PHE A 94 -12.15 20.82 0.54
C PHE A 94 -11.29 21.77 -0.25
N GLY A 95 -10.22 21.25 -0.83
CA GLY A 95 -9.33 22.08 -1.63
C GLY A 95 -8.46 23.07 -0.86
N GLN A 96 -8.48 22.98 0.47
CA GLN A 96 -7.72 23.90 1.30
C GLN A 96 -6.89 23.24 2.40
N GLY A 97 -7.40 22.16 2.97
CA GLY A 97 -6.66 21.46 4.01
C GLY A 97 -6.95 21.88 5.43
N TRP A 98 -6.09 21.50 6.35
CA TRP A 98 -6.28 21.81 7.75
C TRP A 98 -6.67 23.26 8.01
N SER A 99 -7.82 23.44 8.65
CA SER A 99 -8.32 24.77 8.97
C SER A 99 -8.93 24.75 10.37
N SER A 100 -8.56 25.73 11.20
CA SER A 100 -9.10 25.80 12.56
C SER A 100 -9.51 27.22 12.95
N CYS A 101 -9.98 27.38 14.18
CA CYS A 101 -10.41 28.68 14.68
C CYS A 101 -9.20 29.54 14.94
N CYS A 102 -8.20 28.93 15.56
CA CYS A 102 -6.96 29.60 15.90
C CYS A 102 -5.82 28.92 15.18
N PRO A 103 -5.67 29.22 13.87
CA PRO A 103 -4.59 28.63 13.06
C PRO A 103 -3.29 28.67 13.84
N GLU A 104 -3.02 29.85 14.41
CA GLU A 104 -1.80 30.07 15.17
C GLU A 104 -1.59 29.00 16.22
N ARG A 105 -2.59 28.78 17.07
CA ARG A 105 -2.46 27.78 18.13
C ARG A 105 -2.36 26.35 17.58
N THR A 106 -3.12 26.05 16.54
CA THR A 106 -3.08 24.72 15.94
C THR A 106 -1.66 24.48 15.42
N SER A 107 -1.10 25.49 14.75
CA SER A 107 0.25 25.41 14.22
C SER A 107 1.27 25.28 15.37
N GLN A 108 1.14 26.11 16.40
CA GLN A 108 2.10 26.02 17.49
C GLN A 108 2.02 24.67 18.20
N LEU A 109 0.81 24.28 18.54
CA LEU A 109 0.57 23.03 19.26
C LEU A 109 0.85 21.80 18.41
N PHE A 110 0.37 21.80 17.17
CA PHE A 110 0.54 20.65 16.29
C PHE A 110 1.68 20.70 15.28
N ASP A 111 2.22 21.88 15.02
CA ASP A 111 3.30 22.04 14.06
C ASP A 111 2.71 21.65 12.71
N LEU A 112 1.49 22.13 12.48
CA LEU A 112 0.73 21.87 11.28
C LEU A 112 0.38 23.16 10.57
N PRO A 113 0.89 23.38 9.36
CA PRO A 113 0.49 24.66 8.76
C PRO A 113 -1.05 24.61 8.77
N CYS A 114 -1.72 25.74 8.94
CA CYS A 114 -3.17 25.71 9.04
C CYS A 114 -3.88 27.01 8.63
N SER A 115 -5.06 26.89 8.03
CA SER A 115 -5.82 28.07 7.61
C SER A 115 -6.79 28.53 8.69
N LYS A 116 -7.48 29.63 8.41
CA LYS A 116 -8.45 30.18 9.34
C LYS A 116 -9.82 29.64 8.92
N LEU A 117 -10.40 28.77 9.75
CA LEU A 117 -11.72 28.20 9.42
C LEU A 117 -12.69 29.35 9.24
N SER A 118 -13.54 29.30 8.22
CA SER A 118 -14.46 30.41 8.02
C SER A 118 -15.86 30.09 7.54
N VAL A 119 -16.80 30.95 7.91
CA VAL A 119 -18.18 30.79 7.50
C VAL A 119 -18.17 30.59 6.01
N GLY A 120 -18.73 29.47 5.55
CA GLY A 120 -18.76 29.17 4.13
C GLY A 120 -17.77 28.08 3.75
N ASP A 121 -16.81 27.77 4.61
CA ASP A 121 -15.87 26.69 4.28
C ASP A 121 -16.54 25.32 4.30
N VAL A 122 -16.37 24.57 3.22
CA VAL A 122 -16.94 23.24 3.12
C VAL A 122 -15.97 22.22 3.68
N CYS A 123 -16.30 21.65 4.83
CA CYS A 123 -15.44 20.67 5.45
C CYS A 123 -15.72 19.23 5.06
N ILE A 124 -14.74 18.36 5.26
CA ILE A 124 -14.92 16.96 4.97
C ILE A 124 -15.42 16.29 6.23
N SER A 125 -16.53 15.57 6.13
CA SER A 125 -17.09 14.84 7.26
C SER A 125 -17.46 13.48 6.72
N LEU A 126 -17.77 12.54 7.60
CA LEU A 126 -18.11 11.19 7.15
C LEU A 126 -19.43 10.68 7.66
N THR A 127 -20.02 9.76 6.89
CA THR A 127 -21.28 9.10 7.21
C THR A 127 -21.20 7.69 6.63
N LEU A 128 -21.94 6.76 7.21
CA LEU A 128 -21.89 5.38 6.72
C LEU A 128 -22.57 5.28 5.36
N LYS A 129 -22.16 4.29 4.57
CA LYS A 129 -22.77 4.11 3.26
C LYS A 129 -22.94 2.63 2.91
N PRO B 9 3.50 -14.79 -9.80
CA PRO B 9 4.05 -13.48 -10.22
C PRO B 9 4.43 -12.67 -8.98
N THR B 10 5.28 -13.24 -8.13
CA THR B 10 5.69 -12.61 -6.87
C THR B 10 6.85 -11.63 -6.91
N LEU B 11 6.62 -10.44 -6.36
CA LEU B 11 7.63 -9.39 -6.32
C LEU B 11 7.97 -8.95 -4.89
N PRO B 12 9.12 -8.26 -4.73
CA PRO B 12 9.57 -7.75 -3.42
C PRO B 12 8.74 -6.50 -3.16
N PRO B 13 7.84 -6.57 -2.16
CA PRO B 13 6.96 -5.45 -1.81
C PRO B 13 7.62 -4.14 -1.39
N TYR B 14 8.88 -4.17 -0.97
CA TYR B 14 9.49 -2.93 -0.50
C TYR B 14 10.06 -1.95 -1.53
N PHE B 15 10.08 -2.30 -2.81
CA PHE B 15 10.59 -1.38 -3.82
C PHE B 15 9.44 -0.55 -4.38
N MSE B 16 8.21 -0.92 -4.03
CA MSE B 16 7.04 -0.20 -4.51
C MSE B 16 7.04 1.22 -3.97
O MSE B 16 7.18 1.43 -2.75
CB MSE B 16 5.76 -0.92 -4.07
CG MSE B 16 4.48 -0.10 -4.25
SE MSE B 16 3.88 0.16 -6.09
CE MSE B 16 2.28 -0.87 -6.01
N LYS B 17 6.89 2.19 -4.86
CA LYS B 17 6.86 3.58 -4.46
C LYS B 17 5.94 3.72 -3.27
N GLY B 18 6.30 4.58 -2.33
CA GLY B 18 5.48 4.78 -1.16
C GLY B 18 5.77 3.85 0.02
N SER B 19 6.47 2.74 -0.20
CA SER B 19 6.79 1.80 0.90
C SER B 19 7.60 2.50 1.98
N MSE B 20 7.16 2.41 3.22
CA MSE B 20 7.89 3.03 4.31
C MSE B 20 9.12 2.20 4.66
O MSE B 20 9.03 0.99 4.79
CB MSE B 20 7.00 3.22 5.54
CG MSE B 20 6.03 4.39 5.44
SE MSE B 20 6.85 6.11 4.98
CE MSE B 20 6.41 6.08 3.10
N ILE B 21 10.27 2.86 4.77
CA ILE B 21 11.51 2.16 5.10
C ILE B 21 11.96 2.68 6.45
N GLN B 22 12.29 1.77 7.36
CA GLN B 22 12.73 2.17 8.69
C GLN B 22 14.27 2.22 8.75
N LEU B 23 14.84 3.38 9.02
CA LEU B 23 16.30 3.48 9.09
C LEU B 23 16.84 3.05 10.46
N ALA B 24 18.14 2.75 10.54
CA ALA B 24 18.73 2.32 11.80
C ALA B 24 18.27 3.12 13.00
N ASN B 25 18.23 4.45 12.87
CA ASN B 25 17.79 5.29 13.98
C ASN B 25 16.27 5.19 14.23
N GLY B 26 15.54 4.50 13.36
CA GLY B 26 14.12 4.35 13.57
C GLY B 26 13.24 5.32 12.78
N GLU B 27 13.86 6.20 12.01
CA GLU B 27 13.12 7.15 11.20
C GLU B 27 12.47 6.40 10.03
N LEU B 28 11.39 6.95 9.49
CA LEU B 28 10.71 6.35 8.35
C LEU B 28 10.84 7.25 7.14
N LYS B 29 11.17 6.67 5.99
CA LYS B 29 11.30 7.40 4.72
C LYS B 29 10.65 6.60 3.60
N LYS B 30 10.13 7.29 2.59
CA LYS B 30 9.52 6.58 1.47
C LYS B 30 10.71 6.02 0.72
N VAL B 31 10.58 4.83 0.16
CA VAL B 31 11.68 4.20 -0.54
C VAL B 31 12.21 5.02 -1.73
N GLU B 32 11.34 5.79 -2.40
CA GLU B 32 11.78 6.59 -3.53
C GLU B 32 12.66 7.77 -3.10
N ASP B 33 12.56 8.14 -1.83
CA ASP B 33 13.32 9.27 -1.30
C ASP B 33 14.65 8.89 -0.66
N LEU B 34 15.04 7.62 -0.70
CA LEU B 34 16.30 7.21 -0.08
C LEU B 34 17.58 7.79 -0.72
N LYS B 35 18.46 8.30 0.12
CA LYS B 35 19.74 8.86 -0.33
C LYS B 35 20.90 8.01 0.18
N THR B 36 22.04 8.10 -0.50
CA THR B 36 23.23 7.35 -0.12
C THR B 36 23.49 7.55 1.36
N GLU B 37 23.43 8.80 1.80
CA GLU B 37 23.66 9.12 3.19
C GLU B 37 22.67 8.39 4.13
N ASP B 38 21.56 7.91 3.59
CA ASP B 38 20.61 7.20 4.43
C ASP B 38 21.17 5.82 4.76
N PHE B 39 21.79 5.17 3.80
CA PHE B 39 22.37 3.87 4.05
C PHE B 39 23.62 4.04 4.91
N ILE B 40 24.57 4.81 4.41
CA ILE B 40 25.81 5.07 5.13
C ILE B 40 25.54 5.43 6.58
N GLN B 41 24.55 6.28 6.81
CA GLN B 41 24.23 6.66 8.17
C GLN B 41 23.67 5.48 8.95
N SER B 42 22.89 4.63 8.29
CA SER B 42 22.28 3.47 8.93
C SER B 42 23.30 2.42 9.32
N ALA B 43 24.21 2.10 8.39
CA ALA B 43 25.26 1.12 8.66
C ALA B 43 26.09 1.57 9.87
N GLU B 44 26.49 2.84 9.87
CA GLU B 44 27.27 3.40 10.98
C GLU B 44 26.48 3.20 12.27
N MSE B 45 25.18 3.53 12.22
CA MSE B 45 24.28 3.41 13.37
C MSE B 45 24.17 1.96 13.85
O MSE B 45 23.81 1.71 15.00
CB MSE B 45 22.89 3.90 12.99
CG MSE B 45 22.79 5.37 12.64
SE MSE B 45 22.74 6.49 14.20
CE MSE B 45 24.61 6.90 14.34
N SER B 46 24.45 1.02 12.96
CA SER B 46 24.36 -0.40 13.26
C SER B 46 25.64 -1.02 13.82
N ASN B 47 25.52 -1.88 14.82
CA ASN B 47 26.73 -2.52 15.35
C ASN B 47 27.01 -3.85 14.64
N ASP B 48 26.03 -4.38 13.93
CA ASP B 48 26.20 -5.65 13.21
C ASP B 48 26.39 -5.60 11.71
N LEU B 49 26.04 -4.50 11.05
CA LEU B 49 26.16 -4.41 9.60
C LEU B 49 27.03 -3.26 9.10
N LYS B 50 27.65 -3.45 7.94
CA LYS B 50 28.51 -2.42 7.33
C LYS B 50 28.28 -2.36 5.83
N ILE B 51 28.51 -1.17 5.25
CA ILE B 51 28.36 -0.96 3.81
C ILE B 51 29.46 -1.73 3.11
N ASP B 52 29.18 -2.28 1.93
CA ASP B 52 30.21 -3.04 1.24
C ASP B 52 30.25 -2.78 -0.26
N SER B 53 30.62 -1.57 -0.64
CA SER B 53 30.72 -1.15 -2.04
C SER B 53 30.95 -2.32 -2.99
N SER B 54 30.03 -2.50 -3.92
CA SER B 54 30.14 -3.55 -4.92
C SER B 54 30.19 -2.90 -6.30
N THR B 55 31.34 -2.99 -6.95
CA THR B 55 31.50 -2.40 -8.28
C THR B 55 31.13 -3.38 -9.39
N VAL B 56 30.20 -2.96 -10.23
CA VAL B 56 29.75 -3.78 -11.35
C VAL B 56 30.84 -3.83 -12.43
N GLU B 57 30.87 -4.93 -13.18
CA GLU B 57 31.86 -5.09 -14.23
C GLU B 57 31.36 -5.93 -15.40
N ARG B 58 30.17 -6.50 -15.28
CA ARG B 58 29.62 -7.32 -16.35
C ARG B 58 28.11 -7.48 -16.29
N ILE B 59 27.40 -6.66 -17.06
CA ILE B 59 25.95 -6.71 -17.10
C ILE B 59 25.50 -7.42 -18.38
N GLU B 60 25.48 -8.74 -18.34
CA GLU B 60 25.09 -9.53 -19.51
C GLU B 60 23.66 -10.03 -19.39
N ASP B 61 23.17 -10.64 -20.47
CA ASP B 61 21.82 -11.16 -20.53
C ASP B 61 21.80 -12.64 -20.15
N SER B 62 20.60 -13.16 -19.90
CA SER B 62 20.45 -14.56 -19.53
C SER B 62 19.01 -14.92 -19.19
N HIS B 63 18.25 -15.37 -20.18
CA HIS B 63 16.85 -15.76 -19.98
C HIS B 63 15.98 -14.63 -19.45
N VAL B 67 14.97 -11.68 -16.88
CA VAL B 67 16.09 -12.00 -16.01
C VAL B 67 17.42 -11.62 -16.66
N ALA B 68 18.50 -11.64 -15.87
CA ALA B 68 19.83 -11.30 -16.38
C ALA B 68 20.90 -11.67 -15.37
N VAL B 69 22.12 -11.88 -15.86
CA VAL B 69 23.25 -12.23 -15.00
C VAL B 69 24.11 -11.00 -14.76
N ILE B 70 24.77 -10.95 -13.60
CA ILE B 70 25.62 -9.80 -13.27
C ILE B 70 26.86 -10.22 -12.49
N GLN B 71 28.01 -9.66 -12.85
CA GLN B 71 29.27 -9.98 -12.18
C GLN B 71 29.76 -8.79 -11.35
N PHE B 72 29.82 -8.99 -10.03
CA PHE B 72 30.25 -7.96 -9.10
C PHE B 72 31.64 -8.16 -8.47
N ALA B 73 32.31 -7.05 -8.19
CA ALA B 73 33.63 -7.06 -7.55
C ALA B 73 33.45 -6.51 -6.14
N VAL B 74 32.97 -7.37 -5.24
CA VAL B 74 32.71 -7.03 -3.85
C VAL B 74 33.91 -6.53 -3.04
N GLY B 75 33.62 -5.66 -2.08
CA GLY B 75 34.64 -5.12 -1.20
C GLY B 75 35.91 -4.57 -1.80
N GLU B 76 36.85 -4.22 -0.92
CA GLU B 76 38.14 -3.68 -1.31
C GLU B 76 39.09 -4.81 -1.70
N HIS B 77 38.91 -5.96 -1.08
CA HIS B 77 39.74 -7.11 -1.39
C HIS B 77 39.28 -7.63 -2.75
N ARG B 78 38.57 -6.78 -3.47
CA ARG B 78 38.05 -7.05 -4.80
C ARG B 78 37.42 -8.43 -4.99
N ALA B 79 37.10 -9.09 -3.88
CA ALA B 79 36.50 -10.42 -3.92
C ALA B 79 35.53 -10.59 -5.09
N GLN B 80 35.81 -11.53 -5.97
CA GLN B 80 34.95 -11.78 -7.11
C GLN B 80 33.70 -12.54 -6.70
N VAL B 81 32.54 -12.00 -7.03
CA VAL B 81 31.27 -12.62 -6.68
C VAL B 81 30.24 -12.45 -7.79
N SER B 82 29.64 -13.55 -8.22
CA SER B 82 28.64 -13.51 -9.27
C SER B 82 27.27 -13.85 -8.73
N VAL B 83 26.25 -13.20 -9.26
CA VAL B 83 24.87 -13.42 -8.83
C VAL B 83 23.90 -13.02 -9.94
N GLU B 84 22.97 -13.91 -10.26
CA GLU B 84 21.99 -13.65 -11.30
C GLU B 84 20.62 -13.37 -10.71
N VAL B 85 20.07 -12.21 -11.05
CA VAL B 85 18.76 -11.81 -10.55
C VAL B 85 17.96 -11.14 -11.66
N LEU B 86 16.65 -11.02 -11.45
CA LEU B 86 15.75 -10.39 -12.41
C LEU B 86 16.35 -9.10 -12.96
N VAL B 87 15.87 -8.69 -14.13
CA VAL B 87 16.34 -7.48 -14.79
C VAL B 87 15.91 -6.23 -14.02
N GLU B 88 14.63 -6.16 -13.68
CA GLU B 88 14.08 -5.02 -12.96
C GLU B 88 14.54 -4.80 -11.53
N TYR B 89 15.25 -5.75 -10.94
CA TYR B 89 15.72 -5.58 -9.56
C TYR B 89 16.53 -4.29 -9.51
N PRO B 90 16.23 -3.40 -8.56
CA PRO B 90 16.94 -2.13 -8.43
C PRO B 90 18.13 -2.09 -7.47
N PHE B 91 19.29 -1.68 -7.98
CA PHE B 91 20.47 -1.54 -7.15
C PHE B 91 20.54 -0.07 -6.80
N PHE B 92 21.18 0.27 -5.69
CA PHE B 92 21.32 1.67 -5.33
C PHE B 92 22.77 2.01 -5.56
N VAL B 93 23.03 2.77 -6.62
CA VAL B 93 24.39 3.16 -6.96
C VAL B 93 24.76 4.42 -6.19
N PHE B 94 25.98 4.44 -5.64
CA PHE B 94 26.46 5.59 -4.88
C PHE B 94 26.33 6.92 -5.65
N GLY B 95 25.67 7.90 -5.04
CA GLY B 95 25.49 9.20 -5.67
C GLY B 95 24.67 9.15 -6.95
N GLN B 96 23.86 8.11 -7.09
CA GLN B 96 23.01 7.94 -8.26
C GLN B 96 21.61 7.47 -7.88
N GLY B 97 21.54 6.49 -6.99
CA GLY B 97 20.25 5.99 -6.57
C GLY B 97 19.87 4.73 -7.31
N TRP B 98 18.61 4.34 -7.20
CA TRP B 98 18.10 3.13 -7.85
C TRP B 98 18.50 3.04 -9.30
N SER B 99 19.01 1.88 -9.71
CA SER B 99 19.43 1.67 -11.09
C SER B 99 19.37 0.19 -11.39
N SER B 100 18.59 -0.18 -12.40
CA SER B 100 18.46 -1.59 -12.77
C SER B 100 18.95 -1.84 -14.19
N CYS B 101 18.69 -3.04 -14.70
CA CYS B 101 19.09 -3.40 -16.05
C CYS B 101 18.01 -2.95 -17.03
N CYS B 102 16.77 -2.90 -16.56
CA CYS B 102 15.67 -2.47 -17.41
C CYS B 102 14.84 -1.38 -16.71
N PRO B 103 15.41 -0.17 -16.60
CA PRO B 103 14.76 0.98 -15.96
C PRO B 103 13.28 1.13 -16.23
N GLU B 104 12.89 1.07 -17.51
CA GLU B 104 11.49 1.20 -17.88
C GLU B 104 10.63 0.13 -17.24
N ARG B 105 11.16 -1.09 -17.14
CA ARG B 105 10.41 -2.17 -16.52
C ARG B 105 10.28 -1.89 -15.02
N THR B 106 11.39 -1.44 -14.42
CA THR B 106 11.39 -1.12 -13.00
C THR B 106 10.35 -0.04 -12.69
N SER B 107 10.16 0.90 -13.61
CA SER B 107 9.17 1.96 -13.41
C SER B 107 7.83 1.44 -13.87
N GLN B 108 7.83 0.22 -14.41
CA GLN B 108 6.60 -0.40 -14.88
C GLN B 108 5.95 -1.03 -13.64
N LEU B 109 6.70 -1.89 -12.97
CA LEU B 109 6.23 -2.56 -11.76
C LEU B 109 6.09 -1.62 -10.57
N PHE B 110 7.25 -1.19 -10.06
CA PHE B 110 7.34 -0.36 -8.87
C PHE B 110 7.05 1.13 -8.92
N ASP B 111 7.11 1.74 -10.12
CA ASP B 111 6.87 3.19 -10.24
C ASP B 111 7.99 3.86 -9.44
N LEU B 112 9.20 3.41 -9.72
CA LEU B 112 10.40 3.90 -9.05
C LEU B 112 11.34 4.50 -10.10
N PRO B 113 11.63 5.82 -10.03
CA PRO B 113 12.54 6.38 -11.03
C PRO B 113 13.81 5.54 -10.98
N CYS B 114 14.31 5.12 -12.12
CA CYS B 114 15.47 4.26 -12.12
C CYS B 114 16.55 4.57 -13.17
N SER B 115 17.78 4.81 -12.74
CA SER B 115 18.87 5.08 -13.68
C SER B 115 19.25 3.75 -14.32
N LYS B 116 19.89 3.80 -15.48
CA LYS B 116 20.31 2.58 -16.17
C LYS B 116 21.57 2.05 -15.49
N LEU B 117 21.53 0.79 -15.06
CA LEU B 117 22.70 0.18 -14.41
C LEU B 117 23.72 -0.19 -15.47
N SER B 118 24.91 0.39 -15.38
CA SER B 118 25.96 0.09 -16.35
C SER B 118 27.24 -0.33 -15.65
N VAL B 119 28.16 -0.90 -16.41
CA VAL B 119 29.43 -1.35 -15.87
C VAL B 119 30.18 -0.17 -15.26
N GLY B 120 30.78 -0.39 -14.10
CA GLY B 120 31.51 0.66 -13.42
C GLY B 120 30.77 1.23 -12.23
N ASP B 121 29.44 1.08 -12.23
CA ASP B 121 28.62 1.60 -11.13
C ASP B 121 28.86 0.85 -9.83
N VAL B 122 29.25 1.59 -8.80
CA VAL B 122 29.51 1.02 -7.48
C VAL B 122 28.21 0.94 -6.68
N CYS B 123 27.64 -0.26 -6.58
CA CYS B 123 26.40 -0.45 -5.85
C CYS B 123 26.62 -0.58 -4.35
N ILE B 124 25.56 -0.37 -3.58
CA ILE B 124 25.67 -0.48 -2.14
C ILE B 124 25.27 -1.89 -1.78
N SER B 125 25.96 -2.47 -0.81
CA SER B 125 25.63 -3.83 -0.38
C SER B 125 26.06 -3.94 1.07
N LEU B 126 25.80 -5.07 1.70
CA LEU B 126 26.14 -5.21 3.10
C LEU B 126 26.86 -6.49 3.46
N THR B 127 27.47 -6.46 4.65
CA THR B 127 28.18 -7.59 5.24
C THR B 127 28.07 -7.35 6.73
N LEU B 128 28.64 -8.26 7.51
CA LEU B 128 28.60 -8.15 8.96
C LEU B 128 29.82 -7.42 9.47
N LYS B 129 29.64 -6.61 10.51
CA LYS B 129 30.76 -5.87 11.08
C LYS B 129 31.62 -6.83 11.90
N LEU C 11 -5.10 -12.63 -17.32
CA LEU C 11 -6.47 -12.58 -17.89
C LEU C 11 -6.99 -13.98 -18.22
N PRO C 12 -6.71 -14.96 -17.34
CA PRO C 12 -7.14 -16.36 -17.53
C PRO C 12 -8.60 -16.50 -17.97
N PRO C 13 -8.87 -17.49 -18.82
CA PRO C 13 -10.22 -17.75 -19.33
C PRO C 13 -11.11 -18.54 -18.37
N TYR C 14 -10.52 -19.18 -17.37
CA TYR C 14 -11.31 -19.95 -16.43
C TYR C 14 -12.15 -19.11 -15.48
N PHE C 15 -12.09 -17.79 -15.64
CA PHE C 15 -12.88 -16.91 -14.79
C PHE C 15 -14.20 -16.61 -15.48
N MSE C 16 -14.25 -16.88 -16.79
CA MSE C 16 -15.44 -16.66 -17.60
C MSE C 16 -16.62 -17.39 -16.94
O MSE C 16 -16.51 -18.56 -16.61
CB MSE C 16 -15.24 -17.22 -19.00
CG MSE C 16 -14.93 -16.16 -20.05
SE MSE C 16 -16.41 -14.94 -20.28
CE MSE C 16 -17.76 -16.22 -20.83
N LYS C 17 -17.72 -16.68 -16.73
CA LYS C 17 -18.90 -17.30 -16.11
C LYS C 17 -19.22 -18.63 -16.80
N GLY C 18 -19.63 -19.61 -16.01
CA GLY C 18 -19.95 -20.91 -16.57
C GLY C 18 -18.76 -21.83 -16.75
N SER C 19 -17.54 -21.29 -16.64
CA SER C 19 -16.34 -22.10 -16.82
C SER C 19 -16.38 -23.34 -15.95
N MSE C 20 -15.95 -24.47 -16.50
CA MSE C 20 -15.96 -25.73 -15.77
C MSE C 20 -14.69 -25.95 -14.94
O MSE C 20 -13.61 -26.13 -15.49
CB MSE C 20 -16.15 -26.90 -16.74
CG MSE C 20 -17.53 -26.94 -17.38
SE MSE C 20 -18.97 -27.12 -16.08
CE MSE C 20 -18.91 -29.03 -15.87
N ILE C 21 -14.85 -25.95 -13.62
CA ILE C 21 -13.73 -26.15 -12.71
C ILE C 21 -13.91 -27.51 -12.08
N GLN C 22 -12.87 -28.34 -12.16
CA GLN C 22 -12.93 -29.68 -11.59
C GLN C 22 -12.28 -29.80 -10.23
N LEU C 23 -13.10 -29.93 -9.20
CA LEU C 23 -12.61 -30.08 -7.85
C LEU C 23 -11.65 -31.27 -7.75
N ALA C 24 -11.34 -31.68 -6.52
CA ALA C 24 -10.44 -32.81 -6.31
C ALA C 24 -11.12 -34.15 -6.57
N ASN C 25 -12.26 -34.37 -5.92
CA ASN C 25 -13.00 -35.61 -6.08
C ASN C 25 -13.70 -35.72 -7.43
N GLY C 26 -13.14 -35.07 -8.44
CA GLY C 26 -13.72 -35.13 -9.76
C GLY C 26 -14.97 -34.31 -10.02
N GLU C 27 -15.72 -33.96 -8.98
CA GLU C 27 -16.93 -33.17 -9.16
C GLU C 27 -16.59 -31.94 -9.99
N LEU C 28 -17.52 -31.50 -10.83
CA LEU C 28 -17.29 -30.33 -11.66
C LEU C 28 -18.28 -29.24 -11.26
N LYS C 29 -17.76 -28.04 -11.05
CA LYS C 29 -18.61 -26.92 -10.67
C LYS C 29 -18.27 -25.74 -11.56
N LYS C 30 -19.25 -24.88 -11.78
CA LYS C 30 -19.04 -23.67 -12.57
C LYS C 30 -18.27 -22.73 -11.64
N VAL C 31 -17.32 -21.99 -12.19
CA VAL C 31 -16.49 -21.07 -11.43
C VAL C 31 -17.26 -20.08 -10.53
N GLU C 32 -18.42 -19.61 -10.97
CA GLU C 32 -19.21 -18.66 -10.19
C GLU C 32 -19.96 -19.30 -9.03
N ASP C 33 -20.00 -20.62 -9.00
CA ASP C 33 -20.70 -21.29 -7.94
C ASP C 33 -19.72 -21.85 -6.92
N LEU C 34 -18.43 -21.69 -7.20
CA LEU C 34 -17.42 -22.18 -6.28
C LEU C 34 -17.58 -21.54 -4.91
N LYS C 35 -17.25 -22.32 -3.88
CA LYS C 35 -17.35 -21.86 -2.49
C LYS C 35 -16.10 -22.22 -1.69
N THR C 36 -15.89 -21.50 -0.60
CA THR C 36 -14.75 -21.71 0.30
C THR C 36 -14.54 -23.18 0.62
N GLU C 37 -15.63 -23.86 0.98
CA GLU C 37 -15.57 -25.28 1.30
C GLU C 37 -14.97 -26.07 0.15
N ASP C 38 -15.44 -25.79 -1.06
CA ASP C 38 -14.94 -26.46 -2.26
C ASP C 38 -13.43 -26.40 -2.31
N PHE C 39 -12.86 -25.24 -1.98
CA PHE C 39 -11.41 -25.08 -1.97
C PHE C 39 -10.75 -25.73 -0.76
N ILE C 40 -11.44 -25.73 0.38
CA ILE C 40 -10.88 -26.34 1.59
C ILE C 40 -10.81 -27.86 1.44
N GLN C 41 -11.98 -28.49 1.25
CA GLN C 41 -12.08 -29.94 1.10
C GLN C 41 -11.19 -30.42 -0.05
N SER C 42 -11.26 -29.74 -1.18
CA SER C 42 -10.46 -30.08 -2.34
C SER C 42 -8.98 -30.02 -1.99
N ALA C 43 -8.63 -29.12 -1.07
CA ALA C 43 -7.25 -28.98 -0.63
C ALA C 43 -6.90 -30.17 0.24
N GLU C 44 -7.86 -30.62 1.05
CA GLU C 44 -7.65 -31.78 1.92
C GLU C 44 -7.32 -32.98 1.04
N MSE C 45 -8.02 -33.06 -0.10
CA MSE C 45 -7.84 -34.14 -1.06
C MSE C 45 -6.43 -34.13 -1.64
O MSE C 45 -5.85 -35.18 -1.90
CB MSE C 45 -8.84 -33.97 -2.20
CG MSE C 45 -9.39 -35.27 -2.76
SE MSE C 45 -10.76 -35.94 -1.58
CE MSE C 45 -12.17 -34.68 -2.04
N SER C 46 -5.90 -32.93 -1.85
CA SER C 46 -4.58 -32.75 -2.42
C SER C 46 -3.50 -33.58 -1.72
N ASN C 47 -2.31 -33.61 -2.32
CA ASN C 47 -1.20 -34.38 -1.77
C ASN C 47 0.12 -33.61 -1.89
N LEU C 49 0.06 -29.76 -1.94
CA LEU C 49 -0.62 -28.46 -1.88
C LEU C 49 -1.42 -28.30 -0.59
N LYS C 50 -1.06 -27.30 0.20
CA LYS C 50 -1.76 -27.03 1.45
C LYS C 50 -2.47 -25.68 1.28
N ILE C 51 -3.57 -25.52 1.99
CA ILE C 51 -4.36 -24.30 1.90
C ILE C 51 -3.81 -23.18 2.80
N ASP C 52 -3.53 -22.04 2.19
CA ASP C 52 -2.97 -20.89 2.90
C ASP C 52 -3.83 -19.63 2.85
N SER C 53 -3.59 -18.72 3.79
CA SER C 53 -4.32 -17.46 3.84
C SER C 53 -3.40 -16.30 3.50
N SER C 54 -3.88 -15.41 2.64
CA SER C 54 -3.12 -14.24 2.23
C SER C 54 -3.98 -13.01 2.47
N THR C 55 -3.55 -12.15 3.37
CA THR C 55 -4.30 -10.96 3.69
C THR C 55 -3.75 -9.73 2.96
N VAL C 56 -4.63 -9.06 2.21
CA VAL C 56 -4.28 -7.86 1.45
C VAL C 56 -3.82 -6.79 2.44
N GLU C 57 -2.63 -6.24 2.18
CA GLU C 57 -2.09 -5.19 3.05
C GLU C 57 -2.13 -3.86 2.34
N ARG C 58 -1.95 -3.90 1.01
CA ARG C 58 -1.97 -2.69 0.19
C ARG C 58 -2.36 -3.00 -1.25
N ILE C 59 -3.16 -2.10 -1.81
CA ILE C 59 -3.63 -2.20 -3.19
C ILE C 59 -3.25 -0.90 -3.88
N GLU C 60 -2.47 -0.98 -4.95
CA GLU C 60 -2.04 0.21 -5.68
C GLU C 60 -2.38 0.06 -7.16
N ASP C 61 -3.35 0.84 -7.65
CA ASP C 61 -3.74 0.74 -9.05
C ASP C 61 -3.83 2.04 -9.83
N SER C 62 -2.98 3.00 -9.51
CA SER C 62 -3.01 4.27 -10.21
C SER C 62 -1.74 4.58 -11.01
N HIS C 63 -0.60 4.08 -10.55
CA HIS C 63 0.65 4.34 -11.27
C HIS C 63 0.64 3.75 -12.68
N SER C 64 -0.08 2.65 -12.85
CA SER C 64 -0.18 1.99 -14.15
C SER C 64 -1.65 1.58 -14.38
N PRO C 65 -2.52 2.55 -14.71
CA PRO C 65 -3.95 2.33 -14.95
C PRO C 65 -4.27 1.00 -15.60
N GLY C 66 -5.19 0.26 -14.98
CA GLY C 66 -5.59 -1.03 -15.51
C GLY C 66 -4.91 -2.21 -14.83
N VAL C 67 -3.83 -1.93 -14.11
CA VAL C 67 -3.09 -2.97 -13.42
C VAL C 67 -2.91 -2.60 -11.95
N ALA C 68 -2.98 -3.59 -11.08
CA ALA C 68 -2.82 -3.33 -9.66
C ALA C 68 -1.70 -4.16 -9.07
N VAL C 69 -0.98 -3.57 -8.12
CA VAL C 69 0.09 -4.28 -7.42
C VAL C 69 -0.52 -4.46 -6.04
N ILE C 70 -0.68 -5.71 -5.63
CA ILE C 70 -1.29 -6.03 -4.34
C ILE C 70 -0.26 -6.63 -3.40
N GLN C 71 -0.15 -6.04 -2.21
CA GLN C 71 0.80 -6.51 -1.20
C GLN C 71 0.07 -7.47 -0.27
N PHE C 72 0.59 -8.68 -0.16
CA PHE C 72 -0.01 -9.72 0.67
C PHE C 72 0.85 -10.09 1.88
N ALA C 73 0.17 -10.53 2.92
CA ALA C 73 0.82 -10.99 4.14
C ALA C 73 0.45 -12.47 4.08
N VAL C 74 1.38 -13.30 3.63
CA VAL C 74 1.14 -14.74 3.47
C VAL C 74 1.49 -15.60 4.66
N GLY C 75 0.64 -16.59 4.93
CA GLY C 75 0.87 -17.50 6.03
C GLY C 75 0.69 -16.94 7.43
N GLU C 76 1.04 -17.75 8.43
CA GLU C 76 0.93 -17.36 9.82
C GLU C 76 2.14 -16.54 10.22
N HIS C 77 3.20 -16.63 9.42
CA HIS C 77 4.43 -15.88 9.67
C HIS C 77 4.34 -14.46 9.11
N ARG C 78 3.37 -14.23 8.23
CA ARG C 78 3.15 -12.93 7.62
C ARG C 78 4.26 -12.57 6.63
N ALA C 79 4.62 -13.53 5.79
CA ALA C 79 5.64 -13.28 4.78
C ALA C 79 5.04 -12.22 3.85
N GLN C 80 5.71 -11.07 3.76
CA GLN C 80 5.24 -9.98 2.91
C GLN C 80 5.57 -10.27 1.46
N VAL C 81 4.55 -10.31 0.60
CA VAL C 81 4.77 -10.54 -0.82
C VAL C 81 3.88 -9.62 -1.65
N SER C 82 4.29 -9.34 -2.89
CA SER C 82 3.49 -8.51 -3.78
C SER C 82 3.29 -9.15 -5.13
N VAL C 83 2.17 -8.81 -5.75
CA VAL C 83 1.79 -9.37 -7.04
C VAL C 83 1.27 -8.29 -7.99
N GLU C 84 1.61 -8.41 -9.26
CA GLU C 84 1.14 -7.48 -10.26
C GLU C 84 0.03 -8.20 -11.00
N VAL C 85 -1.14 -7.58 -11.08
CA VAL C 85 -2.25 -8.21 -11.77
C VAL C 85 -3.26 -7.22 -12.37
N LEU C 86 -3.97 -7.66 -13.41
CA LEU C 86 -4.98 -6.82 -14.06
C LEU C 86 -6.06 -6.51 -13.02
N VAL C 87 -6.57 -5.30 -13.02
CA VAL C 87 -7.58 -4.94 -12.03
C VAL C 87 -8.78 -5.87 -11.96
N GLU C 88 -9.02 -6.64 -13.03
CA GLU C 88 -10.18 -7.55 -13.02
C GLU C 88 -9.90 -8.94 -12.46
N TYR C 89 -8.64 -9.23 -12.15
CA TYR C 89 -8.26 -10.52 -11.59
C TYR C 89 -8.96 -10.68 -10.23
N PRO C 90 -9.83 -11.70 -10.09
CA PRO C 90 -10.55 -11.91 -8.84
C PRO C 90 -9.93 -12.93 -7.89
N PHE C 91 -9.86 -12.60 -6.61
CA PHE C 91 -9.33 -13.53 -5.63
C PHE C 91 -10.53 -14.04 -4.85
N PHE C 92 -10.45 -15.27 -4.39
CA PHE C 92 -11.53 -15.84 -3.63
C PHE C 92 -11.26 -15.50 -2.17
N VAL C 93 -12.12 -14.70 -1.57
CA VAL C 93 -11.96 -14.31 -0.18
C VAL C 93 -12.81 -15.23 0.70
N PHE C 94 -12.18 -15.79 1.73
CA PHE C 94 -12.87 -16.66 2.67
C PHE C 94 -14.22 -16.09 3.06
N GLY C 95 -15.25 -16.92 2.98
CA GLY C 95 -16.59 -16.52 3.35
C GLY C 95 -17.16 -15.35 2.60
N GLN C 96 -16.67 -15.12 1.39
CA GLN C 96 -17.16 -14.01 0.59
C GLN C 96 -17.19 -14.34 -0.88
N GLY C 97 -16.15 -15.02 -1.34
CA GLY C 97 -16.07 -15.38 -2.74
C GLY C 97 -15.21 -14.48 -3.60
N TRP C 98 -15.53 -14.42 -4.88
CA TRP C 98 -14.76 -13.62 -5.80
C TRP C 98 -14.75 -12.15 -5.46
N SER C 99 -13.55 -11.58 -5.43
CA SER C 99 -13.35 -10.17 -5.11
C SER C 99 -12.24 -9.62 -5.99
N SER C 100 -12.44 -8.43 -6.55
CA SER C 100 -11.40 -7.84 -7.39
C SER C 100 -11.22 -6.35 -7.09
N CYS C 101 -10.17 -5.77 -7.66
CA CYS C 101 -9.89 -4.35 -7.47
C CYS C 101 -10.94 -3.54 -8.22
N CYS C 102 -11.42 -4.08 -9.34
CA CYS C 102 -12.44 -3.40 -10.14
C CYS C 102 -13.61 -4.34 -10.44
N PRO C 103 -14.55 -4.49 -9.50
CA PRO C 103 -15.73 -5.36 -9.65
C PRO C 103 -16.49 -5.16 -10.95
N GLU C 104 -16.71 -3.90 -11.30
CA GLU C 104 -17.44 -3.57 -12.51
C GLU C 104 -16.72 -4.02 -13.76
N ARG C 105 -15.41 -3.82 -13.82
CA ARG C 105 -14.69 -4.25 -15.00
C ARG C 105 -14.68 -5.77 -15.07
N THR C 106 -14.56 -6.43 -13.92
CA THR C 106 -14.57 -7.89 -13.91
C THR C 106 -15.93 -8.38 -14.40
N SER C 107 -16.97 -7.61 -14.08
CA SER C 107 -18.32 -7.97 -14.50
C SER C 107 -18.46 -7.90 -16.02
N GLN C 108 -17.99 -6.81 -16.61
CA GLN C 108 -18.08 -6.61 -18.05
C GLN C 108 -17.31 -7.65 -18.87
N LEU C 109 -16.21 -8.16 -18.31
CA LEU C 109 -15.38 -9.13 -19.00
C LEU C 109 -15.78 -10.60 -18.86
N PHE C 110 -16.07 -11.03 -17.63
CA PHE C 110 -16.41 -12.43 -17.39
C PHE C 110 -17.84 -12.67 -16.93
N ASP C 111 -18.59 -11.61 -16.66
CA ASP C 111 -19.94 -11.79 -16.16
C ASP C 111 -19.84 -12.61 -14.87
N LEU C 112 -18.75 -12.37 -14.14
CA LEU C 112 -18.48 -13.05 -12.87
C LEU C 112 -18.76 -12.04 -11.76
N PRO C 113 -19.86 -12.22 -11.03
CA PRO C 113 -20.21 -11.30 -9.93
C PRO C 113 -19.09 -11.22 -8.88
N CYS C 114 -18.57 -10.01 -8.67
CA CYS C 114 -17.48 -9.78 -7.72
C CYS C 114 -17.71 -8.75 -6.63
N SER C 115 -17.13 -9.00 -5.46
CA SER C 115 -17.18 -8.05 -4.36
C SER C 115 -15.92 -7.20 -4.61
N LYS C 116 -15.83 -6.04 -3.98
CA LYS C 116 -14.67 -5.19 -4.17
C LYS C 116 -13.57 -5.56 -3.18
N LEU C 117 -12.42 -5.95 -3.70
CA LEU C 117 -11.30 -6.33 -2.85
C LEU C 117 -10.87 -5.13 -1.98
N SER C 118 -10.40 -5.41 -0.77
CA SER C 118 -9.97 -4.31 0.09
C SER C 118 -8.95 -4.76 1.12
N VAL C 119 -8.14 -3.82 1.59
CA VAL C 119 -7.12 -4.11 2.60
C VAL C 119 -7.82 -4.85 3.72
N GLY C 120 -7.20 -5.92 4.21
CA GLY C 120 -7.82 -6.67 5.29
C GLY C 120 -8.47 -7.97 4.84
N ASP C 121 -8.90 -8.04 3.59
CA ASP C 121 -9.52 -9.26 3.08
C ASP C 121 -8.54 -10.42 3.16
N VAL C 122 -9.05 -11.57 3.62
CA VAL C 122 -8.25 -12.78 3.75
C VAL C 122 -8.53 -13.64 2.50
N CYS C 123 -7.50 -13.83 1.68
CA CYS C 123 -7.61 -14.59 0.44
C CYS C 123 -7.05 -15.99 0.50
N ILE C 124 -7.61 -16.86 -0.35
CA ILE C 124 -7.17 -18.25 -0.44
C ILE C 124 -6.00 -18.29 -1.39
N SER C 125 -4.93 -18.96 -1.00
CA SER C 125 -3.76 -19.11 -1.84
C SER C 125 -3.20 -20.45 -1.38
N LEU C 126 -2.20 -20.98 -2.07
CA LEU C 126 -1.64 -22.26 -1.65
C LEU C 126 -0.13 -22.29 -1.81
N ARG D 3 8.86 -6.02 10.56
CA ARG D 3 8.75 -4.96 11.59
C ARG D 3 7.39 -4.26 11.50
N SER D 4 7.00 -3.55 12.55
CA SER D 4 5.71 -2.86 12.57
C SER D 4 5.78 -1.50 13.25
N VAL D 5 4.86 -0.61 12.86
CA VAL D 5 4.79 0.74 13.41
C VAL D 5 3.35 1.13 13.76
N ALA D 6 3.21 2.09 14.68
CA ALA D 6 1.89 2.58 15.09
C ALA D 6 1.39 3.46 13.96
N VAL D 7 0.18 3.20 13.52
CA VAL D 7 -0.40 3.94 12.42
C VAL D 7 -1.85 4.32 12.72
N PHE D 8 -2.28 5.49 12.27
CA PHE D 8 -3.65 5.92 12.51
C PHE D 8 -4.40 5.84 11.19
N PRO D 9 -5.64 5.35 11.21
CA PRO D 9 -6.42 5.26 9.98
C PRO D 9 -6.95 6.63 9.58
N TRP D 10 -7.08 6.86 8.27
CA TRP D 10 -7.58 8.12 7.75
C TRP D 10 -8.95 8.54 8.32
N HIS D 11 -9.82 7.59 8.66
CA HIS D 11 -11.13 7.97 9.16
C HIS D 11 -11.18 8.52 10.57
N SER D 12 -10.01 8.72 11.18
CA SER D 12 -9.96 9.28 12.52
C SER D 12 -9.78 10.79 12.45
N LEU D 13 -9.30 11.25 11.30
CA LEU D 13 -9.01 12.65 11.06
C LEU D 13 -10.22 13.47 10.67
N VAL D 14 -11.34 12.83 10.41
CA VAL D 14 -12.52 13.57 10.00
C VAL D 14 -13.74 13.22 10.84
N PRO D 15 -14.43 14.24 11.36
CA PRO D 15 -15.61 14.09 12.20
C PRO D 15 -16.83 13.44 11.56
N PHE D 16 -17.65 12.82 12.41
CA PHE D 16 -18.89 12.19 12.00
C PHE D 16 -19.97 13.14 12.50
N LEU D 17 -20.18 14.23 11.76
CA LEU D 17 -21.17 15.22 12.15
C LEU D 17 -22.57 14.66 11.91
N PRO E 2 -5.82 2.98 15.95
CA PRO E 2 -4.33 2.94 16.00
C PRO E 2 -3.81 1.55 15.64
N ARG E 3 -4.05 1.14 14.39
CA ARG E 3 -3.62 -0.17 13.92
C ARG E 3 -2.11 -0.28 13.73
N SER E 4 -1.63 -1.52 13.73
CA SER E 4 -0.22 -1.85 13.56
C SER E 4 0.02 -2.29 12.11
N VAL E 5 0.99 -1.65 11.45
CA VAL E 5 1.27 -1.95 10.04
C VAL E 5 2.71 -2.35 9.73
N ALA E 6 2.88 -3.09 8.63
CA ALA E 6 4.19 -3.56 8.20
C ALA E 6 5.07 -2.48 7.59
N VAL E 7 6.24 -2.32 8.18
CA VAL E 7 7.22 -1.36 7.74
C VAL E 7 8.47 -2.19 7.38
N PHE E 8 9.18 -1.80 6.33
CA PHE E 8 10.35 -2.54 5.91
C PHE E 8 11.67 -1.91 6.32
N PRO E 9 12.59 -2.73 6.87
CA PRO E 9 13.91 -2.27 7.31
C PRO E 9 14.79 -1.94 6.11
N TRP E 10 15.61 -0.89 6.26
CA TRP E 10 16.53 -0.46 5.22
C TRP E 10 17.40 -1.59 4.66
N HIS E 11 17.91 -2.48 5.51
CA HIS E 11 18.77 -3.54 5.01
C HIS E 11 18.14 -4.61 4.12
N SER E 12 16.86 -4.45 3.81
CA SER E 12 16.16 -5.39 2.91
C SER E 12 16.39 -4.91 1.48
N LEU E 13 16.59 -3.61 1.34
CA LEU E 13 16.76 -2.99 0.04
C LEU E 13 18.09 -3.22 -0.63
N VAL E 14 19.01 -3.87 0.08
CA VAL E 14 20.36 -4.07 -0.42
C VAL E 14 20.93 -5.49 -0.24
N PRO E 15 21.65 -6.02 -1.26
CA PRO E 15 22.27 -7.35 -1.27
C PRO E 15 23.21 -7.58 -0.10
N PHE E 16 23.14 -8.79 0.47
CA PHE E 16 23.95 -9.15 1.61
C PHE E 16 25.01 -10.15 1.16
N LEU E 17 26.09 -10.25 1.92
CA LEU E 17 27.20 -11.15 1.60
C LEU E 17 27.58 -12.02 2.81
N ALA E 18 28.85 -11.98 3.21
CA ALA E 18 29.32 -12.76 4.35
C ALA E 18 29.95 -11.83 5.39
N PRO F 2 -20.48 -33.81 -31.11
CA PRO F 2 -20.10 -33.33 -29.77
C PRO F 2 -19.06 -32.22 -29.85
N ARG F 3 -19.12 -31.28 -28.92
CA ARG F 3 -18.17 -30.18 -28.89
C ARG F 3 -17.35 -30.25 -27.60
N SER F 4 -16.03 -30.27 -27.73
CA SER F 4 -15.17 -30.34 -26.57
C SER F 4 -15.35 -29.09 -25.73
N VAL F 5 -15.14 -29.25 -24.42
CA VAL F 5 -15.26 -28.16 -23.47
C VAL F 5 -13.99 -28.14 -22.64
N ALA F 6 -13.52 -26.93 -22.33
CA ALA F 6 -12.32 -26.77 -21.54
C ALA F 6 -12.61 -26.98 -20.07
N VAL F 7 -11.82 -27.83 -19.42
CA VAL F 7 -11.99 -28.10 -18.00
C VAL F 7 -10.66 -27.91 -17.27
N PHE F 8 -10.60 -26.87 -16.46
CA PHE F 8 -9.38 -26.55 -15.71
C PHE F 8 -9.48 -27.03 -14.27
N PRO F 9 -8.33 -27.35 -13.65
CA PRO F 9 -8.23 -27.83 -12.27
C PRO F 9 -8.50 -26.71 -11.27
N TRP F 10 -8.97 -27.07 -10.08
CA TRP F 10 -9.30 -26.09 -9.04
C TRP F 10 -8.10 -25.26 -8.55
N HIS F 11 -6.94 -25.90 -8.47
CA HIS F 11 -5.73 -25.25 -7.99
C HIS F 11 -5.12 -24.22 -8.93
N SER F 12 -5.81 -23.88 -10.02
CA SER F 12 -5.28 -22.89 -10.94
C SER F 12 -6.02 -21.56 -10.76
N LEU F 13 -7.07 -21.57 -9.95
CA LEU F 13 -7.84 -20.36 -9.70
C LEU F 13 -7.25 -19.58 -8.55
N VAL F 14 -6.39 -20.24 -7.78
CA VAL F 14 -5.76 -19.67 -6.61
C VAL F 14 -4.24 -19.45 -6.75
N PRO F 15 -3.72 -18.29 -6.29
CA PRO F 15 -2.32 -17.85 -6.33
C PRO F 15 -1.36 -18.73 -5.56
N PHE F 16 -0.08 -18.66 -5.92
CA PHE F 16 1.01 -19.43 -5.31
C PHE F 16 0.96 -20.88 -5.73
#